data_7AQB
#
_entry.id   7AQB
#
_cell.length_a   83.317
_cell.length_b   83.317
_cell.length_c   181.066
_cell.angle_alpha   90.000
_cell.angle_beta   90.000
_cell.angle_gamma   90.000
#
_symmetry.space_group_name_H-M   'P 43 21 2'
#
loop_
_entity.id
_entity.type
_entity.pdbx_description
1 polymer 'Mitogen-activated protein kinase 6'
2 non-polymer 'MAGNESIUM ION'
3 non-polymer 1,2-ETHANEDIOL
4 water water
#
_entity_poly.entity_id   1
_entity_poly.type   'polypeptide(L)'
_entity_poly.pdbx_seq_one_letter_code
;SMNIHGFDLGSRYMDLKPLGCGGNGLVFSAVDNDCDKRVAIKKIVLTDPQSVKHALREIKIIRRLDHDNIVKVFEILGPS
GSQLTDDVGSLTELNSVYIVQEYMETDLANVLEQGPLLEEHARLFMYQLLRGLKYIHSANVLHRDLKPANLFINTEDLVL
KIGDFGLARIMDPHYSHKGHLSEGLVTKWYRSPRLLLSPNNYTKAIDMWAAGCIFAEMLTGKTLFAGAHELEQMQLILES
IPVVHEEDRQELLSVIPVYIRNDMTEPHKPLTQLLPGISREAVDFLEQILTFSPMDRLTAEEALSHPYMSIYSFPMDEPI
;
_entity_poly.pdbx_strand_id   A,B
#
# COMPACT_ATOMS: atom_id res chain seq x y z
N GLY A 6 15.34 -17.84 10.08
CA GLY A 6 16.34 -18.93 10.24
C GLY A 6 15.83 -20.08 11.10
N PHE A 7 14.95 -19.80 12.08
CA PHE A 7 14.46 -20.80 13.08
C PHE A 7 13.20 -21.49 12.55
N ASP A 8 13.04 -22.77 12.91
CA ASP A 8 11.78 -23.56 12.73
C ASP A 8 10.88 -23.32 13.95
N LEU A 9 9.58 -23.17 13.73
CA LEU A 9 8.52 -23.24 14.76
C LEU A 9 7.59 -24.39 14.39
N GLY A 10 7.54 -25.42 15.24
CA GLY A 10 6.83 -26.68 14.94
C GLY A 10 7.37 -27.39 13.71
N SER A 11 6.54 -28.24 13.10
CA SER A 11 6.89 -29.10 11.93
C SER A 11 6.49 -28.40 10.62
N ARG A 12 5.87 -27.21 10.70
CA ARG A 12 5.19 -26.57 9.54
C ARG A 12 5.75 -25.18 9.20
N TYR A 13 6.31 -24.43 10.15
CA TYR A 13 6.73 -23.03 9.88
C TYR A 13 8.25 -22.92 9.98
N MET A 14 8.83 -22.16 9.07
CA MET A 14 10.28 -22.17 8.75
C MET A 14 10.74 -20.73 8.48
N ASP A 15 12.03 -20.46 8.70
CA ASP A 15 12.68 -19.17 8.34
C ASP A 15 12.04 -18.02 9.15
N LEU A 16 11.70 -18.26 10.43
CA LEU A 16 11.15 -17.21 11.34
C LEU A 16 12.19 -16.09 11.45
N LYS A 17 11.85 -14.87 11.03
CA LYS A 17 12.65 -13.64 11.20
C LYS A 17 11.78 -12.59 11.86
N PRO A 18 12.25 -11.88 12.92
CA PRO A 18 11.42 -10.88 13.59
C PRO A 18 11.08 -9.68 12.69
N LEU A 19 9.84 -9.19 12.74
CA LEU A 19 9.31 -8.08 11.90
C LEU A 19 9.32 -6.78 12.71
N GLY A 23 12.59 -3.78 17.05
CA GLY A 23 12.72 -3.57 18.51
C GLY A 23 12.07 -4.71 19.31
N ASN A 24 10.81 -5.03 19.01
CA ASN A 24 9.98 -5.99 19.77
C ASN A 24 9.63 -7.18 18.84
N GLY A 25 10.42 -8.24 18.96
CA GLY A 25 10.26 -9.50 18.21
C GLY A 25 9.38 -10.49 18.95
N LEU A 26 8.08 -10.22 18.99
CA LEU A 26 7.03 -11.24 19.22
C LEU A 26 6.23 -11.42 17.91
N VAL A 27 6.50 -10.62 16.87
CA VAL A 27 5.89 -10.73 15.51
C VAL A 27 6.97 -11.15 14.52
N PHE A 28 6.81 -12.29 13.86
CA PHE A 28 7.77 -12.87 12.89
C PHE A 28 7.16 -12.95 11.50
N SER A 29 8.01 -12.90 10.47
CA SER A 29 7.72 -13.44 9.13
C SER A 29 8.19 -14.91 9.14
N ALA A 30 7.43 -15.77 8.48
CA ALA A 30 7.76 -17.20 8.34
C ALA A 30 7.26 -17.69 6.99
N VAL A 31 7.76 -18.84 6.56
CA VAL A 31 7.27 -19.55 5.34
C VAL A 31 6.50 -20.78 5.84
N ASP A 32 5.25 -20.93 5.40
CA ASP A 32 4.41 -22.13 5.59
C ASP A 32 4.91 -23.19 4.60
N ASN A 33 5.54 -24.27 5.10
CA ASN A 33 6.33 -25.24 4.28
C ASN A 33 5.37 -26.13 3.47
N ASP A 34 4.11 -26.25 3.89
CA ASP A 34 3.04 -26.97 3.16
C ASP A 34 2.66 -26.22 1.86
N CYS A 35 3.02 -24.95 1.70
CA CYS A 35 2.67 -24.12 0.50
C CYS A 35 3.88 -23.32 -0.04
N ASP A 36 4.99 -23.26 0.69
CA ASP A 36 6.10 -22.29 0.48
C ASP A 36 5.56 -20.85 0.31
N LYS A 37 4.63 -20.42 1.18
CA LYS A 37 4.09 -19.03 1.26
C LYS A 37 4.53 -18.32 2.55
N ARG A 38 4.90 -17.04 2.43
CA ARG A 38 5.22 -16.11 3.53
C ARG A 38 3.96 -15.84 4.36
N VAL A 39 4.07 -15.97 5.68
CA VAL A 39 2.99 -15.62 6.65
C VAL A 39 3.59 -14.76 7.78
N ALA A 40 2.74 -14.07 8.51
CA ALA A 40 3.06 -13.41 9.80
C ALA A 40 2.67 -14.32 10.96
N ILE A 41 3.50 -14.36 12.00
CA ILE A 41 3.26 -15.13 13.27
C ILE A 41 3.48 -14.17 14.45
N LYS A 42 2.43 -13.91 15.23
CA LYS A 42 2.49 -13.18 16.53
C LYS A 42 2.60 -14.19 17.67
N LYS A 43 3.69 -14.19 18.43
CA LYS A 43 3.81 -14.93 19.72
C LYS A 43 3.02 -14.17 20.78
N ILE A 44 2.20 -14.87 21.54
CA ILE A 44 1.47 -14.29 22.70
C ILE A 44 1.94 -15.01 23.94
N VAL A 45 2.59 -14.26 24.85
CA VAL A 45 3.14 -14.81 26.12
C VAL A 45 2.00 -14.78 27.15
N LEU A 46 1.72 -15.93 27.74
CA LEU A 46 0.66 -16.13 28.77
C LEU A 46 1.33 -16.02 30.13
N THR A 47 1.34 -14.81 30.69
CA THR A 47 2.07 -14.42 31.92
C THR A 47 1.10 -14.56 33.11
N ASP A 48 0.03 -13.77 33.12
CA ASP A 48 -1.01 -13.71 34.19
C ASP A 48 -2.28 -14.42 33.72
N PRO A 49 -3.32 -14.51 34.57
CA PRO A 49 -4.69 -14.74 34.09
C PRO A 49 -5.33 -13.55 33.34
N GLN A 50 -4.92 -12.30 33.63
CA GLN A 50 -5.36 -11.11 32.84
C GLN A 50 -4.76 -11.15 31.42
N SER A 51 -3.67 -11.90 31.21
CA SER A 51 -3.02 -12.09 29.88
C SER A 51 -3.65 -13.28 29.13
N VAL A 52 -4.07 -14.32 29.84
CA VAL A 52 -4.80 -15.48 29.24
C VAL A 52 -6.18 -15.00 28.76
N LYS A 53 -6.85 -14.16 29.54
CA LYS A 53 -8.21 -13.62 29.23
C LYS A 53 -8.13 -12.75 27.98
N HIS A 54 -7.05 -11.98 27.82
CA HIS A 54 -6.82 -11.07 26.66
C HIS A 54 -6.49 -11.88 25.40
N ALA A 55 -5.69 -12.93 25.52
CA ALA A 55 -5.33 -13.89 24.44
C ALA A 55 -6.60 -14.57 23.88
N LEU A 56 -7.44 -15.11 24.77
CA LEU A 56 -8.66 -15.91 24.42
C LEU A 56 -9.71 -15.03 23.75
N ARG A 57 -9.96 -13.84 24.28
CA ARG A 57 -10.94 -12.87 23.72
C ARG A 57 -10.51 -12.50 22.29
N GLU A 58 -9.21 -12.23 22.09
CA GLU A 58 -8.60 -11.88 20.78
C GLU A 58 -8.79 -13.04 19.80
N ILE A 59 -8.47 -14.27 20.21
CA ILE A 59 -8.55 -15.50 19.39
C ILE A 59 -10.00 -15.76 18.94
N LYS A 60 -10.98 -15.62 19.84
CA LYS A 60 -12.43 -15.83 19.55
C LYS A 60 -12.90 -14.79 18.50
N ILE A 61 -12.54 -13.52 18.67
CA ILE A 61 -13.00 -12.42 17.78
C ILE A 61 -12.41 -12.65 16.37
N ILE A 62 -11.10 -12.94 16.26
CA ILE A 62 -10.40 -12.92 14.94
C ILE A 62 -10.83 -14.16 14.12
N ARG A 63 -11.12 -15.29 14.76
CA ARG A 63 -11.48 -16.57 14.09
C ARG A 63 -12.75 -16.39 13.25
N ARG A 64 -13.70 -15.56 13.71
CA ARG A 64 -15.05 -15.42 13.13
C ARG A 64 -15.08 -14.35 12.03
N LEU A 65 -13.95 -13.70 11.68
CA LEU A 65 -13.91 -12.53 10.73
C LEU A 65 -13.22 -12.90 9.40
N ASP A 66 -13.98 -12.96 8.31
CA ASP A 66 -13.49 -13.09 6.90
C ASP A 66 -14.05 -11.92 6.10
N HIS A 67 -13.19 -10.98 5.70
CA HIS A 67 -13.56 -9.81 4.88
C HIS A 67 -12.31 -9.29 4.17
N ASP A 68 -12.51 -8.70 3.00
CA ASP A 68 -11.42 -8.16 2.13
C ASP A 68 -10.55 -7.15 2.91
N ASN A 69 -11.14 -6.41 3.86
CA ASN A 69 -10.47 -5.30 4.56
C ASN A 69 -10.17 -5.66 6.03
N ILE A 70 -10.08 -6.96 6.32
CA ILE A 70 -9.65 -7.51 7.65
C ILE A 70 -8.53 -8.53 7.37
N VAL A 71 -7.41 -8.42 8.09
CA VAL A 71 -6.29 -9.40 8.02
C VAL A 71 -6.84 -10.81 8.30
N LYS A 72 -6.56 -11.76 7.39
CA LYS A 72 -7.00 -13.17 7.53
C LYS A 72 -6.17 -13.87 8.60
N VAL A 73 -6.83 -14.68 9.43
CA VAL A 73 -6.20 -15.63 10.39
C VAL A 73 -6.09 -17.01 9.74
N PHE A 74 -4.92 -17.62 9.76
CA PHE A 74 -4.69 -18.99 9.23
C PHE A 74 -4.77 -20.04 10.34
N GLU A 75 -4.07 -19.85 11.46
CA GLU A 75 -3.92 -20.93 12.47
C GLU A 75 -3.59 -20.35 13.85
N ILE A 76 -3.93 -21.13 14.88
CA ILE A 76 -3.54 -20.90 16.28
C ILE A 76 -2.61 -22.06 16.64
N LEU A 77 -1.42 -21.74 17.16
CA LEU A 77 -0.41 -22.76 17.54
C LEU A 77 -0.24 -22.74 19.06
N GLY A 78 0.05 -23.93 19.62
CA GLY A 78 0.41 -24.12 21.03
C GLY A 78 1.89 -23.84 21.25
N PRO A 79 2.38 -23.97 22.49
CA PRO A 79 3.76 -23.59 22.82
C PRO A 79 4.84 -24.20 21.91
N SER A 80 4.64 -25.46 21.49
CA SER A 80 5.60 -26.24 20.65
C SER A 80 5.49 -25.88 19.16
N GLY A 81 4.51 -25.05 18.78
CA GLY A 81 4.28 -24.62 17.40
C GLY A 81 3.42 -25.61 16.60
N SER A 82 2.83 -26.61 17.24
CA SER A 82 1.81 -27.52 16.64
C SER A 82 0.43 -26.88 16.75
N GLN A 83 -0.45 -27.17 15.78
CA GLN A 83 -1.77 -26.50 15.61
C GLN A 83 -2.69 -26.83 16.79
N LEU A 84 -3.55 -25.89 17.18
CA LEU A 84 -4.60 -26.07 18.22
C LEU A 84 -5.92 -26.42 17.50
N THR A 85 -6.65 -27.39 18.06
CA THR A 85 -7.94 -27.93 17.57
C THR A 85 -9.05 -27.60 18.58
N ASP A 86 -9.76 -26.48 18.38
CA ASP A 86 -11.02 -26.16 19.11
C ASP A 86 -11.89 -25.26 18.22
N LEU A 91 -7.06 -22.39 27.76
CA LEU A 91 -5.72 -23.03 27.78
C LEU A 91 -4.76 -22.22 28.67
N THR A 92 -4.84 -22.44 29.98
CA THR A 92 -3.95 -21.87 31.03
C THR A 92 -2.96 -22.94 31.51
N GLU A 93 -2.87 -24.07 30.80
CA GLU A 93 -1.77 -25.07 30.92
C GLU A 93 -0.65 -24.74 29.91
N LEU A 94 -0.66 -23.54 29.29
CA LEU A 94 0.25 -23.14 28.20
C LEU A 94 0.97 -21.83 28.55
N ASN A 95 2.30 -21.84 28.41
CA ASN A 95 3.18 -20.64 28.61
C ASN A 95 2.92 -19.62 27.48
N SER A 96 2.55 -20.09 26.28
CA SER A 96 2.45 -19.23 25.07
C SER A 96 1.52 -19.86 24.03
N VAL A 97 1.05 -19.05 23.08
CA VAL A 97 0.36 -19.48 21.84
C VAL A 97 0.83 -18.57 20.69
N TYR A 98 0.74 -19.06 19.46
CA TYR A 98 1.08 -18.27 18.26
C TYR A 98 -0.20 -18.10 17.43
N ILE A 99 -0.34 -16.92 16.85
CA ILE A 99 -1.37 -16.59 15.85
C ILE A 99 -0.64 -16.46 14.50
N VAL A 100 -0.97 -17.35 13.56
CA VAL A 100 -0.46 -17.31 12.16
C VAL A 100 -1.51 -16.57 11.33
N GLN A 101 -1.09 -15.64 10.50
CA GLN A 101 -2.01 -14.77 9.76
C GLN A 101 -1.33 -14.25 8.50
N GLU A 102 -2.16 -13.70 7.62
CA GLU A 102 -1.79 -13.02 6.36
C GLU A 102 -0.58 -12.13 6.62
N TYR A 103 0.51 -12.33 5.90
CA TYR A 103 1.62 -11.37 5.88
C TYR A 103 1.17 -10.16 5.06
N MET A 104 1.30 -8.97 5.63
CA MET A 104 0.99 -7.67 4.96
C MET A 104 2.31 -6.93 4.78
N GLU A 105 2.48 -6.20 3.68
CA GLU A 105 3.75 -5.53 3.32
C GLU A 105 4.12 -4.49 4.39
N THR A 106 3.17 -3.65 4.79
CA THR A 106 3.47 -2.51 5.67
C THR A 106 2.20 -2.11 6.43
N ASP A 107 2.30 -1.09 7.24
CA ASP A 107 1.17 -0.52 8.01
C ASP A 107 1.10 0.97 7.63
N LEU A 108 -0.03 1.60 7.90
CA LEU A 108 -0.29 2.98 7.46
C LEU A 108 0.64 3.94 8.19
N ALA A 109 1.03 3.64 9.43
CA ALA A 109 1.96 4.48 10.20
C ALA A 109 3.31 4.58 9.46
N ASN A 110 3.85 3.46 8.97
CA ASN A 110 5.13 3.43 8.20
C ASN A 110 4.95 4.25 6.92
N VAL A 111 3.81 4.15 6.26
CA VAL A 111 3.53 4.93 5.02
C VAL A 111 3.52 6.44 5.35
N LEU A 112 2.84 6.86 6.42
CA LEU A 112 2.64 8.30 6.75
C LEU A 112 3.92 8.93 7.33
N GLU A 113 4.85 8.15 7.87
CA GLU A 113 6.21 8.58 8.26
C GLU A 113 6.89 9.24 7.05
N GLN A 114 6.58 8.85 5.80
CA GLN A 114 7.24 9.43 4.61
C GLN A 114 6.43 10.61 4.03
N GLY A 115 5.39 11.09 4.73
CA GLY A 115 4.63 12.29 4.34
C GLY A 115 3.14 12.02 4.13
N PRO A 116 2.35 13.05 3.75
CA PRO A 116 0.92 12.88 3.53
C PRO A 116 0.64 12.09 2.24
N LEU A 117 -0.56 11.52 2.15
CA LEU A 117 -1.10 10.86 0.92
C LEU A 117 -1.75 11.89 -0.01
N LEU A 118 -1.74 11.66 -1.31
CA LEU A 118 -2.69 12.32 -2.25
C LEU A 118 -4.09 12.08 -1.71
N GLU A 119 -4.98 13.05 -1.85
CA GLU A 119 -6.41 12.92 -1.45
C GLU A 119 -6.97 11.61 -1.99
N GLU A 120 -6.68 11.27 -3.25
CA GLU A 120 -7.26 10.11 -3.95
C GLU A 120 -6.86 8.83 -3.21
N HIS A 121 -5.65 8.76 -2.64
CA HIS A 121 -5.18 7.61 -1.83
C HIS A 121 -5.82 7.64 -0.44
N ALA A 122 -5.89 8.83 0.17
CA ALA A 122 -6.48 8.98 1.51
C ALA A 122 -7.94 8.50 1.43
N ARG A 123 -8.61 8.86 0.35
CA ARG A 123 -10.06 8.63 0.16
C ARG A 123 -10.33 7.14 -0.05
N LEU A 124 -9.50 6.51 -0.87
CA LEU A 124 -9.56 5.07 -1.20
C LEU A 124 -9.32 4.26 0.07
N PHE A 125 -8.29 4.61 0.84
CA PHE A 125 -7.98 3.95 2.14
C PHE A 125 -9.13 4.18 3.12
N MET A 126 -9.70 5.38 3.18
CA MET A 126 -10.86 5.69 4.05
C MET A 126 -12.05 4.78 3.66
N TYR A 127 -12.33 4.64 2.37
CA TYR A 127 -13.43 3.78 1.85
C TYR A 127 -13.28 2.29 2.29
N GLN A 128 -12.02 1.82 2.26
CA GLN A 128 -11.65 0.45 2.76
C GLN A 128 -11.78 0.36 4.27
N LEU A 129 -11.28 1.35 5.03
CA LEU A 129 -11.39 1.34 6.50
C LEU A 129 -12.88 1.29 6.86
N LEU A 130 -13.71 2.14 6.24
CA LEU A 130 -15.15 2.19 6.55
C LEU A 130 -15.80 0.83 6.19
N ARG A 131 -15.46 0.23 5.05
CA ARG A 131 -16.00 -1.10 4.66
C ARG A 131 -15.62 -2.14 5.73
N GLY A 132 -14.37 -2.12 6.18
CA GLY A 132 -13.94 -3.01 7.29
C GLY A 132 -14.75 -2.75 8.55
N LEU A 133 -15.00 -1.49 8.89
CA LEU A 133 -15.73 -1.14 10.13
C LEU A 133 -17.21 -1.53 10.02
N LYS A 134 -17.85 -1.26 8.89
CA LYS A 134 -19.27 -1.67 8.69
C LYS A 134 -19.39 -3.15 9.02
N TYR A 135 -18.45 -3.97 8.55
CA TYR A 135 -18.43 -5.44 8.72
C TYR A 135 -18.29 -5.83 10.19
N ILE A 136 -17.29 -5.31 10.90
CA ILE A 136 -17.03 -5.74 12.31
C ILE A 136 -18.15 -5.20 13.23
N HIS A 137 -18.68 -4.01 12.95
CA HIS A 137 -19.84 -3.44 13.68
C HIS A 137 -21.11 -4.28 13.44
N SER A 138 -21.32 -4.84 12.25
CA SER A 138 -22.43 -5.77 11.92
C SER A 138 -22.34 -7.05 12.77
N ALA A 139 -21.13 -7.48 13.12
CA ALA A 139 -20.88 -8.65 14.01
C ALA A 139 -20.85 -8.21 15.47
N ASN A 140 -21.13 -6.93 15.77
CA ASN A 140 -21.15 -6.40 17.16
C ASN A 140 -19.73 -6.47 17.74
N VAL A 141 -18.71 -6.38 16.89
CA VAL A 141 -17.28 -6.36 17.29
C VAL A 141 -16.81 -4.91 17.18
N LEU A 142 -16.34 -4.35 18.30
CA LEU A 142 -15.66 -3.04 18.41
C LEU A 142 -14.16 -3.30 18.37
N HIS A 143 -13.42 -2.51 17.59
CA HIS A 143 -11.96 -2.69 17.43
C HIS A 143 -11.24 -2.12 18.66
N ARG A 144 -11.56 -0.87 18.99
CA ARG A 144 -11.15 -0.19 20.26
C ARG A 144 -9.71 0.30 20.17
N ASP A 145 -8.94 -0.05 19.13
CA ASP A 145 -7.53 0.40 19.01
C ASP A 145 -7.20 0.81 17.58
N LEU A 146 -8.14 1.48 16.92
CA LEU A 146 -7.97 1.95 15.55
C LEU A 146 -6.91 3.06 15.58
N LYS A 147 -5.86 2.87 14.80
CA LYS A 147 -4.77 3.85 14.62
C LYS A 147 -3.99 3.38 13.40
N PRO A 148 -3.21 4.28 12.77
CA PRO A 148 -2.51 3.94 11.53
C PRO A 148 -1.69 2.65 11.66
N ALA A 149 -1.06 2.39 12.79
CA ALA A 149 -0.16 1.22 12.95
C ALA A 149 -0.95 -0.09 12.90
N ASN A 150 -2.27 -0.08 13.11
CA ASN A 150 -3.12 -1.30 13.09
C ASN A 150 -3.91 -1.38 11.78
N LEU A 151 -3.57 -0.52 10.82
CA LEU A 151 -4.07 -0.57 9.43
C LEU A 151 -2.90 -1.00 8.54
N PHE A 152 -3.03 -2.20 7.97
CA PHE A 152 -2.02 -2.91 7.16
C PHE A 152 -2.31 -2.65 5.69
N ILE A 153 -1.25 -2.36 4.93
CA ILE A 153 -1.31 -1.92 3.51
C ILE A 153 -0.46 -2.89 2.68
N ASN A 154 -1.03 -3.35 1.57
CA ASN A 154 -0.30 -3.88 0.40
C ASN A 154 -0.26 -2.75 -0.63
N THR A 155 0.92 -2.16 -0.84
CA THR A 155 1.12 -0.93 -1.64
C THR A 155 0.84 -1.21 -3.13
N GLU A 156 1.16 -2.39 -3.65
CA GLU A 156 0.94 -2.70 -5.09
C GLU A 156 -0.55 -2.53 -5.43
N ASP A 157 -1.46 -3.14 -4.66
CA ASP A 157 -2.92 -3.18 -4.93
C ASP A 157 -3.65 -1.99 -4.27
N LEU A 158 -2.96 -1.22 -3.42
CA LEU A 158 -3.55 -0.19 -2.52
C LEU A 158 -4.72 -0.81 -1.76
N VAL A 159 -4.47 -1.95 -1.12
CA VAL A 159 -5.45 -2.64 -0.22
C VAL A 159 -5.09 -2.28 1.24
N LEU A 160 -6.10 -1.84 1.99
CA LEU A 160 -6.00 -1.56 3.43
C LEU A 160 -6.79 -2.65 4.14
N LYS A 161 -6.19 -3.28 5.16
CA LYS A 161 -6.84 -4.27 6.03
C LYS A 161 -6.67 -3.85 7.50
N ILE A 162 -7.76 -3.90 8.26
CA ILE A 162 -7.74 -3.71 9.73
C ILE A 162 -7.12 -4.97 10.35
N GLY A 163 -6.13 -4.79 11.20
CA GLY A 163 -5.51 -5.89 11.97
C GLY A 163 -5.44 -5.52 13.45
N ASP A 164 -4.73 -6.35 14.22
CA ASP A 164 -4.40 -6.16 15.67
C ASP A 164 -5.67 -5.87 16.47
N PHE A 165 -6.48 -6.91 16.65
CA PHE A 165 -7.70 -6.92 17.49
C PHE A 165 -7.34 -7.24 18.95
N GLY A 166 -6.08 -7.06 19.33
CA GLY A 166 -5.60 -7.10 20.73
C GLY A 166 -6.56 -6.49 21.77
N LEU A 167 -7.10 -5.29 21.54
CA LEU A 167 -7.92 -4.53 22.51
C LEU A 167 -9.42 -4.65 22.19
N ALA A 168 -9.79 -5.50 21.23
CA ALA A 168 -11.16 -5.58 20.67
C ALA A 168 -12.09 -6.29 21.66
N ARG A 169 -13.37 -5.88 21.71
CA ARG A 169 -14.43 -6.51 22.55
C ARG A 169 -15.75 -6.61 21.78
N ILE A 170 -16.57 -7.63 22.11
CA ILE A 170 -18.00 -7.76 21.71
C ILE A 170 -18.77 -6.69 22.50
N MET A 171 -19.55 -5.84 21.84
CA MET A 171 -19.95 -4.49 22.37
C MET A 171 -20.52 -4.57 23.80
N ASP A 172 -21.58 -5.37 24.03
CA ASP A 172 -22.31 -5.44 25.34
C ASP A 172 -22.37 -4.06 25.98
N HIS A 180 -3.90 -1.66 37.40
CA HIS A 180 -3.24 -2.54 36.41
C HIS A 180 -3.64 -2.17 34.99
N LEU A 181 -4.13 -0.96 34.74
CA LEU A 181 -4.73 -0.58 33.43
C LEU A 181 -3.70 -0.71 32.31
N SER A 182 -2.42 -0.38 32.54
CA SER A 182 -1.43 0.00 31.48
C SER A 182 -1.92 1.23 30.72
N GLU A 183 -2.64 2.13 31.40
CA GLU A 183 -3.24 3.34 30.78
C GLU A 183 -2.17 4.06 29.95
N GLY A 184 -0.92 4.11 30.42
CA GLY A 184 0.16 4.93 29.84
C GLY A 184 0.69 4.37 28.53
N LEU A 185 0.30 3.13 28.18
CA LEU A 185 0.70 2.46 26.91
C LEU A 185 -0.42 2.54 25.86
N VAL A 186 -1.58 3.06 26.19
CA VAL A 186 -2.70 3.29 25.23
C VAL A 186 -2.54 4.71 24.67
N THR A 187 -2.38 4.88 23.36
CA THR A 187 -2.26 6.24 22.77
C THR A 187 -3.64 6.91 22.87
N LYS A 188 -3.62 8.21 23.11
CA LYS A 188 -4.83 9.01 23.38
C LYS A 188 -5.32 9.61 22.07
N TRP A 189 -4.52 9.58 20.99
CA TRP A 189 -4.68 10.49 19.83
C TRP A 189 -5.99 10.24 19.08
N TYR A 190 -6.49 9.01 19.10
CA TYR A 190 -7.64 8.53 18.30
C TYR A 190 -8.85 8.30 19.23
N ARG A 191 -8.79 8.76 20.48
CA ARG A 191 -9.87 8.57 21.47
C ARG A 191 -10.89 9.70 21.33
N SER A 192 -12.18 9.35 21.33
CA SER A 192 -13.31 10.30 21.18
C SER A 192 -13.51 11.02 22.52
N PRO A 193 -14.12 12.22 22.49
CA PRO A 193 -14.49 12.91 23.72
C PRO A 193 -15.28 12.02 24.69
N ARG A 194 -16.22 11.19 24.21
CA ARG A 194 -17.03 10.36 25.12
C ARG A 194 -16.11 9.33 25.77
N LEU A 195 -15.18 8.73 25.03
CA LEU A 195 -14.24 7.72 25.59
C LEU A 195 -13.35 8.36 26.66
N LEU A 196 -12.94 9.62 26.48
CA LEU A 196 -12.13 10.36 27.48
C LEU A 196 -12.96 10.61 28.73
N LEU A 197 -14.23 11.00 28.60
CA LEU A 197 -15.15 11.29 29.74
C LEU A 197 -15.64 10.00 30.41
N SER A 198 -15.90 8.93 29.63
CA SER A 198 -16.48 7.64 30.08
C SER A 198 -15.60 6.48 29.62
N PRO A 199 -14.45 6.19 30.27
CA PRO A 199 -13.44 5.28 29.72
C PRO A 199 -13.80 3.79 29.64
N ASN A 200 -14.82 3.33 30.38
CA ASN A 200 -15.11 1.87 30.48
C ASN A 200 -15.94 1.39 29.27
N ASN A 201 -16.54 2.31 28.52
CA ASN A 201 -17.60 1.95 27.53
C ASN A 201 -17.13 2.30 26.12
N TYR A 202 -16.69 1.27 25.39
CA TYR A 202 -16.50 1.30 23.92
C TYR A 202 -17.88 1.18 23.25
N THR A 203 -18.04 1.89 22.13
CA THR A 203 -19.24 1.89 21.24
C THR A 203 -18.78 1.86 19.79
N LYS A 204 -19.67 1.53 18.86
CA LYS A 204 -19.41 1.66 17.40
C LYS A 204 -18.87 3.09 17.12
N ALA A 205 -19.53 4.12 17.67
CA ALA A 205 -19.25 5.54 17.38
C ALA A 205 -17.81 5.92 17.77
N ILE A 206 -17.25 5.21 18.74
CA ILE A 206 -15.84 5.43 19.19
C ILE A 206 -14.90 4.98 18.08
N ASP A 207 -15.21 3.87 17.40
CA ASP A 207 -14.41 3.42 16.24
C ASP A 207 -14.50 4.49 15.13
N MET A 208 -15.67 5.06 14.92
CA MET A 208 -15.90 6.02 13.84
C MET A 208 -15.10 7.30 14.11
N TRP A 209 -15.06 7.77 15.36
CA TRP A 209 -14.24 8.95 15.71
C TRP A 209 -12.79 8.70 15.30
N ALA A 210 -12.23 7.54 15.65
CA ALA A 210 -10.83 7.15 15.32
C ALA A 210 -10.64 7.14 13.80
N ALA A 211 -11.60 6.65 13.02
CA ALA A 211 -11.50 6.64 11.56
C ALA A 211 -11.42 8.08 11.04
N GLY A 212 -12.18 9.01 11.64
CA GLY A 212 -12.13 10.45 11.29
C GLY A 212 -10.73 11.01 11.51
N CYS A 213 -10.14 10.74 12.67
CA CYS A 213 -8.76 11.16 13.02
C CYS A 213 -7.75 10.54 12.04
N ILE A 214 -7.94 9.30 11.63
CA ILE A 214 -6.99 8.62 10.69
C ILE A 214 -7.10 9.22 9.29
N PHE A 215 -8.33 9.49 8.83
CA PHE A 215 -8.55 10.20 7.55
C PHE A 215 -7.76 11.53 7.53
N ALA A 216 -7.88 12.34 8.58
CA ALA A 216 -7.21 13.65 8.68
C ALA A 216 -5.68 13.46 8.61
N GLU A 217 -5.14 12.50 9.36
CA GLU A 217 -3.68 12.16 9.37
C GLU A 217 -3.21 11.73 7.97
N MET A 218 -3.99 10.95 7.23
CA MET A 218 -3.62 10.56 5.84
C MET A 218 -3.54 11.83 4.97
N LEU A 219 -4.45 12.78 5.17
CA LEU A 219 -4.54 14.00 4.32
C LEU A 219 -3.37 14.93 4.56
N THR A 220 -2.91 15.05 5.80
CA THR A 220 -1.93 16.07 6.26
C THR A 220 -0.57 15.45 6.59
N GLY A 221 -0.52 14.16 6.90
CA GLY A 221 0.68 13.47 7.42
C GLY A 221 0.99 13.84 8.86
N LYS A 222 0.05 14.40 9.61
CA LYS A 222 0.28 14.91 10.98
C LYS A 222 -0.82 14.33 11.87
N THR A 223 -0.53 14.02 13.13
CA THR A 223 -1.59 13.66 14.08
C THR A 223 -2.53 14.88 14.22
N LEU A 224 -3.84 14.67 14.14
CA LEU A 224 -4.84 15.77 14.19
C LEU A 224 -4.83 16.36 15.61
N PHE A 225 -4.98 15.49 16.61
CA PHE A 225 -5.07 15.82 18.05
C PHE A 225 -4.04 14.97 18.80
N ALA A 226 -2.83 15.51 18.98
CA ALA A 226 -1.66 14.82 19.55
C ALA A 226 -1.47 15.20 21.02
N GLY A 227 -2.39 14.78 21.88
CA GLY A 227 -2.31 15.06 23.32
C GLY A 227 -1.48 13.98 24.02
N ALA A 228 -0.75 14.36 25.07
CA ALA A 228 0.24 13.50 25.76
C ALA A 228 -0.42 12.71 26.89
N HIS A 229 -1.67 13.06 27.25
CA HIS A 229 -2.51 12.41 28.30
C HIS A 229 -3.96 12.83 28.07
N GLU A 230 -4.90 12.21 28.77
CA GLU A 230 -6.37 12.35 28.52
C GLU A 230 -6.78 13.84 28.53
N LEU A 231 -6.27 14.61 29.48
CA LEU A 231 -6.66 16.02 29.70
C LEU A 231 -6.23 16.85 28.48
N GLU A 232 -4.97 16.70 28.05
CA GLU A 232 -4.44 17.48 26.90
C GLU A 232 -5.22 17.07 25.66
N GLN A 233 -5.57 15.79 25.53
CA GLN A 233 -6.35 15.27 24.39
C GLN A 233 -7.71 16.00 24.37
N MET A 234 -8.37 16.12 25.53
CA MET A 234 -9.68 16.81 25.61
C MET A 234 -9.53 18.29 25.24
N GLN A 235 -8.51 18.97 25.77
CA GLN A 235 -8.19 20.39 25.46
C GLN A 235 -8.06 20.56 23.94
N LEU A 236 -7.20 19.74 23.30
CA LEU A 236 -6.91 19.86 21.85
C LEU A 236 -8.22 19.66 21.07
N ILE A 237 -9.07 18.73 21.47
CA ILE A 237 -10.35 18.45 20.75
C ILE A 237 -11.27 19.65 20.94
N LEU A 238 -11.37 20.17 22.15
CA LEU A 238 -12.27 21.32 22.45
C LEU A 238 -11.79 22.58 21.73
N GLU A 239 -10.49 22.70 21.45
CA GLU A 239 -9.94 23.90 20.77
C GLU A 239 -10.52 23.97 19.35
N SER A 240 -10.87 22.83 18.75
CA SER A 240 -11.20 22.75 17.31
C SER A 240 -12.61 22.23 17.03
N ILE A 241 -13.25 21.49 17.93
CA ILE A 241 -14.55 20.82 17.66
C ILE A 241 -15.59 21.44 18.58
N PRO A 242 -16.69 22.03 18.05
CA PRO A 242 -17.66 22.73 18.90
C PRO A 242 -18.53 21.73 19.67
N VAL A 243 -18.88 22.08 20.89
CA VAL A 243 -19.91 21.35 21.72
C VAL A 243 -21.27 22.00 21.49
N VAL A 244 -22.14 21.38 20.69
CA VAL A 244 -23.41 21.97 20.20
C VAL A 244 -24.60 21.57 21.09
N HIS A 245 -24.57 20.45 21.79
CA HIS A 245 -25.67 20.01 22.70
C HIS A 245 -25.46 20.54 24.12
N GLU A 246 -26.50 21.13 24.73
CA GLU A 246 -26.49 21.63 26.13
C GLU A 246 -26.14 20.47 27.08
N GLU A 247 -26.68 19.28 26.86
CA GLU A 247 -26.46 18.09 27.74
C GLU A 247 -24.96 17.82 27.83
N ASP A 248 -24.27 17.80 26.67
CA ASP A 248 -22.81 17.60 26.55
C ASP A 248 -22.07 18.71 27.30
N ARG A 249 -22.47 19.97 27.09
CA ARG A 249 -21.82 21.19 27.62
C ARG A 249 -21.86 21.11 29.16
N GLN A 250 -22.99 20.71 29.74
CA GLN A 250 -23.22 20.60 31.21
C GLN A 250 -22.33 19.49 31.79
N GLU A 251 -22.28 18.33 31.15
CA GLU A 251 -21.41 17.21 31.61
C GLU A 251 -19.95 17.69 31.66
N LEU A 252 -19.52 18.38 30.61
CA LEU A 252 -18.11 18.82 30.40
C LEU A 252 -17.75 19.85 31.45
N LEU A 253 -18.61 20.86 31.64
CA LEU A 253 -18.42 21.98 32.62
C LEU A 253 -18.25 21.43 34.04
N SER A 254 -18.79 20.24 34.34
CA SER A 254 -18.77 19.68 35.71
C SER A 254 -17.57 18.72 35.88
N VAL A 255 -16.87 18.41 34.79
CA VAL A 255 -15.76 17.42 34.74
C VAL A 255 -14.45 18.16 34.46
N ILE A 256 -14.40 19.11 33.52
CA ILE A 256 -13.08 19.63 33.04
C ILE A 256 -12.60 20.75 33.96
N PRO A 257 -11.27 20.88 34.12
CA PRO A 257 -10.71 21.94 34.96
C PRO A 257 -10.84 23.33 34.33
N VAL A 258 -10.72 24.32 35.21
CA VAL A 258 -10.87 25.79 35.01
C VAL A 258 -10.06 26.27 33.79
N TYR A 259 -8.79 25.88 33.69
CA TYR A 259 -7.89 26.37 32.61
C TYR A 259 -8.41 25.84 31.26
N ILE A 260 -9.00 24.64 31.22
CA ILE A 260 -9.57 24.11 29.95
C ILE A 260 -10.88 24.84 29.64
N ARG A 261 -11.74 25.04 30.65
CA ARG A 261 -13.01 25.79 30.50
C ARG A 261 -12.70 27.20 29.97
N ASN A 262 -11.68 27.86 30.51
CA ASN A 262 -11.20 29.18 30.00
C ASN A 262 -10.76 28.99 28.53
N ASP A 263 -9.92 27.99 28.27
CA ASP A 263 -9.29 27.73 26.95
C ASP A 263 -10.36 27.55 25.85
N MET A 264 -11.57 27.05 26.17
CA MET A 264 -12.60 26.73 25.15
C MET A 264 -13.47 27.95 24.79
N THR A 265 -13.30 29.09 25.47
CA THR A 265 -13.79 30.42 25.02
C THR A 265 -12.64 31.26 24.43
N GLU A 266 -11.43 30.71 24.26
CA GLU A 266 -10.28 31.41 23.60
C GLU A 266 -10.32 31.08 22.11
N PRO A 267 -9.67 31.89 21.24
CA PRO A 267 -9.68 31.59 19.80
C PRO A 267 -8.66 30.50 19.42
N HIS A 268 -9.09 29.54 18.61
CA HIS A 268 -8.22 28.48 18.03
C HIS A 268 -8.65 28.21 16.59
N LYS A 269 -7.80 27.47 15.88
CA LYS A 269 -8.06 26.96 14.52
C LYS A 269 -9.25 25.99 14.55
N PRO A 270 -10.26 26.26 13.69
CA PRO A 270 -11.24 25.23 13.35
C PRO A 270 -10.61 24.11 12.49
N LEU A 271 -11.31 22.99 12.39
CA LEU A 271 -10.93 21.80 11.57
C LEU A 271 -10.35 22.25 10.22
N THR A 272 -11.03 23.14 9.50
CA THR A 272 -10.62 23.55 8.14
C THR A 272 -9.18 24.08 8.15
N GLN A 273 -8.75 24.74 9.23
CA GLN A 273 -7.38 25.33 9.32
C GLN A 273 -6.36 24.30 9.84
N LEU A 274 -6.81 23.21 10.48
CA LEU A 274 -5.93 22.05 10.79
C LEU A 274 -5.65 21.24 9.51
N LEU A 275 -6.44 21.45 8.45
CA LEU A 275 -6.34 20.74 7.13
C LEU A 275 -6.14 21.75 6.01
N PRO A 276 -5.06 22.55 6.02
CA PRO A 276 -4.88 23.58 4.99
C PRO A 276 -4.63 22.96 3.60
N GLY A 277 -5.31 23.47 2.57
CA GLY A 277 -5.10 23.08 1.16
C GLY A 277 -5.82 21.79 0.79
N ILE A 278 -6.54 21.20 1.75
CA ILE A 278 -7.39 19.99 1.55
C ILE A 278 -8.72 20.45 0.94
N SER A 279 -9.21 19.72 -0.08
CA SER A 279 -10.49 19.96 -0.77
C SER A 279 -11.64 20.13 0.24
N ARG A 280 -12.58 21.01 -0.09
CA ARG A 280 -13.77 21.36 0.72
C ARG A 280 -14.60 20.11 0.99
N GLU A 281 -14.73 19.23 0.00
CA GLU A 281 -15.54 17.98 0.07
C GLU A 281 -14.98 17.05 1.17
N ALA A 282 -13.67 16.92 1.27
CA ALA A 282 -13.00 16.07 2.29
C ALA A 282 -13.26 16.64 3.68
N VAL A 283 -13.14 17.95 3.85
CA VAL A 283 -13.33 18.63 5.16
C VAL A 283 -14.80 18.49 5.57
N ASP A 284 -15.74 18.69 4.65
CA ASP A 284 -17.21 18.61 4.92
C ASP A 284 -17.57 17.18 5.34
N PHE A 285 -17.04 16.18 4.65
CA PHE A 285 -17.24 14.75 5.03
C PHE A 285 -16.71 14.50 6.44
N LEU A 286 -15.48 14.95 6.68
CA LEU A 286 -14.81 14.80 8.00
C LEU A 286 -15.62 15.49 9.10
N GLU A 287 -16.19 16.67 8.85
CA GLU A 287 -16.96 17.43 9.88
C GLU A 287 -18.16 16.62 10.35
N GLN A 288 -18.63 15.66 9.54
CA GLN A 288 -19.80 14.80 9.87
C GLN A 288 -19.34 13.56 10.65
N ILE A 289 -18.03 13.32 10.73
CA ILE A 289 -17.47 12.23 11.57
C ILE A 289 -16.96 12.82 12.91
N LEU A 290 -16.20 13.91 12.89
CA LEU A 290 -15.61 14.54 14.09
C LEU A 290 -16.61 15.53 14.69
N THR A 291 -17.80 15.04 15.03
CA THR A 291 -18.82 15.73 15.85
C THR A 291 -18.56 15.35 17.31
N PHE A 292 -18.71 16.28 18.23
CA PHE A 292 -18.44 16.05 19.66
C PHE A 292 -19.32 14.89 20.14
N SER A 293 -20.60 14.93 19.79
CA SER A 293 -21.60 13.93 20.24
C SER A 293 -21.65 12.78 19.24
N PRO A 294 -21.66 11.53 19.71
CA PRO A 294 -21.86 10.38 18.84
C PRO A 294 -23.29 10.35 18.27
N MET A 295 -24.25 11.05 18.88
CA MET A 295 -25.66 11.13 18.41
C MET A 295 -25.73 11.83 17.03
N ASP A 296 -24.78 12.72 16.70
CA ASP A 296 -24.73 13.48 15.44
C ASP A 296 -23.80 12.78 14.42
N ARG A 297 -23.08 11.75 14.83
CA ARG A 297 -21.92 11.23 14.05
C ARG A 297 -22.40 10.20 13.03
N LEU A 298 -21.90 10.25 11.80
CA LEU A 298 -22.17 9.19 10.80
C LEU A 298 -21.72 7.84 11.36
N THR A 299 -22.56 6.80 11.23
CA THR A 299 -22.14 5.39 11.39
C THR A 299 -21.29 5.04 10.17
N ALA A 300 -20.56 3.93 10.21
CA ALA A 300 -19.77 3.39 9.08
C ALA A 300 -20.70 3.25 7.86
N GLU A 301 -21.91 2.73 8.05
CA GLU A 301 -22.92 2.52 6.97
C GLU A 301 -23.32 3.87 6.37
N GLU A 302 -23.63 4.86 7.20
CA GLU A 302 -24.07 6.20 6.70
C GLU A 302 -22.88 6.84 5.97
N ALA A 303 -21.65 6.65 6.48
CA ALA A 303 -20.44 7.27 5.92
C ALA A 303 -20.18 6.71 4.52
N LEU A 304 -20.37 5.41 4.32
CA LEU A 304 -20.17 4.73 3.03
C LEU A 304 -21.21 5.25 2.03
N SER A 305 -22.40 5.65 2.49
CA SER A 305 -23.50 6.06 1.59
C SER A 305 -23.49 7.57 1.39
N HIS A 306 -22.59 8.29 2.04
CA HIS A 306 -22.32 9.75 1.81
C HIS A 306 -21.72 9.92 0.42
N PRO A 307 -22.13 10.93 -0.39
CA PRO A 307 -21.65 11.08 -1.75
C PRO A 307 -20.12 10.93 -1.88
N TYR A 308 -19.37 11.51 -0.94
CA TYR A 308 -17.89 11.54 -0.95
C TYR A 308 -17.31 10.11 -1.03
N MET A 309 -18.05 9.12 -0.52
CA MET A 309 -17.59 7.70 -0.43
C MET A 309 -18.33 6.81 -1.43
N SER A 310 -19.55 7.15 -1.83
CA SER A 310 -20.41 6.28 -2.68
C SER A 310 -19.84 6.19 -4.10
N ILE A 311 -18.95 7.11 -4.48
CA ILE A 311 -18.19 7.07 -5.77
C ILE A 311 -17.42 5.75 -5.89
N TYR A 312 -17.11 5.07 -4.78
CA TYR A 312 -16.35 3.78 -4.75
C TYR A 312 -17.30 2.56 -4.84
N SER A 313 -18.62 2.71 -4.60
CA SER A 313 -19.58 1.58 -4.45
C SER A 313 -19.96 1.00 -5.82
N MET B 14 -22.43 -3.27 -20.10
CA MET B 14 -23.38 -3.97 -19.18
C MET B 14 -22.64 -5.08 -18.42
N ASP B 15 -23.17 -5.48 -17.26
CA ASP B 15 -22.65 -6.58 -16.40
C ASP B 15 -21.25 -6.22 -15.92
N LEU B 16 -21.05 -4.96 -15.49
CA LEU B 16 -19.81 -4.51 -14.80
C LEU B 16 -19.65 -5.37 -13.54
N LYS B 17 -18.52 -6.09 -13.43
CA LYS B 17 -18.18 -6.92 -12.24
C LYS B 17 -16.77 -6.53 -11.78
N PRO B 18 -16.55 -6.20 -10.48
CA PRO B 18 -15.24 -5.69 -10.05
C PRO B 18 -14.14 -6.75 -10.13
N LEU B 19 -12.93 -6.37 -10.56
CA LEU B 19 -11.74 -7.27 -10.70
C LEU B 19 -10.91 -7.26 -9.40
N GLY B 23 -5.31 -4.00 -10.32
CA GLY B 23 -5.66 -4.63 -9.02
C GLY B 23 -7.04 -4.22 -8.53
N ASN B 24 -7.31 -2.92 -8.42
CA ASN B 24 -8.27 -2.32 -7.45
C ASN B 24 -9.73 -2.80 -7.64
N GLY B 25 -10.63 -2.31 -6.78
CA GLY B 25 -12.10 -2.42 -6.92
C GLY B 25 -12.67 -1.29 -7.76
N LEU B 26 -11.80 -0.64 -8.54
CA LEU B 26 -12.12 0.47 -9.48
C LEU B 26 -11.91 0.01 -10.93
N VAL B 27 -11.50 -1.25 -11.13
CA VAL B 27 -11.41 -1.92 -12.45
C VAL B 27 -12.52 -2.97 -12.53
N PHE B 28 -13.41 -2.84 -13.51
CA PHE B 28 -14.53 -3.78 -13.78
C PHE B 28 -14.30 -4.52 -15.10
N SER B 29 -14.76 -5.76 -15.16
CA SER B 29 -14.97 -6.49 -16.44
C SER B 29 -16.37 -6.13 -16.93
N ALA B 30 -16.55 -6.02 -18.24
CA ALA B 30 -17.83 -5.68 -18.89
C ALA B 30 -17.86 -6.34 -20.27
N VAL B 31 -19.05 -6.44 -20.87
CA VAL B 31 -19.23 -6.84 -22.30
C VAL B 31 -19.55 -5.57 -23.11
N ASP B 32 -18.76 -5.31 -24.16
CA ASP B 32 -19.01 -4.24 -25.16
C ASP B 32 -20.10 -4.75 -26.11
N ASN B 33 -21.31 -4.17 -26.06
CA ASN B 33 -22.49 -4.64 -26.85
C ASN B 33 -22.22 -4.44 -28.35
N ASP B 34 -21.63 -3.29 -28.72
CA ASP B 34 -21.31 -2.89 -30.12
C ASP B 34 -20.22 -3.79 -30.72
N CYS B 35 -19.54 -4.65 -29.94
CA CYS B 35 -18.42 -5.53 -30.39
C CYS B 35 -18.58 -6.99 -29.95
N ASP B 36 -19.54 -7.29 -29.05
CA ASP B 36 -19.69 -8.60 -28.35
C ASP B 36 -18.34 -9.08 -27.80
N LYS B 37 -17.56 -8.20 -27.12
CA LYS B 37 -16.22 -8.47 -26.54
C LYS B 37 -16.22 -8.23 -25.02
N ARG B 38 -15.49 -9.04 -24.26
CA ARG B 38 -15.15 -8.73 -22.84
C ARG B 38 -14.15 -7.56 -22.81
N VAL B 39 -14.41 -6.51 -22.03
CA VAL B 39 -13.49 -5.34 -21.87
C VAL B 39 -13.32 -5.05 -20.39
N ALA B 40 -12.28 -4.30 -20.05
CA ALA B 40 -12.06 -3.68 -18.72
C ALA B 40 -12.54 -2.24 -18.76
N ILE B 41 -13.15 -1.81 -17.67
CA ILE B 41 -13.49 -0.38 -17.38
C ILE B 41 -12.82 0.00 -16.07
N LYS B 42 -11.85 0.91 -16.13
CA LYS B 42 -11.14 1.48 -14.95
C LYS B 42 -11.82 2.80 -14.58
N LYS B 43 -12.50 2.85 -13.43
CA LYS B 43 -13.10 4.11 -12.89
C LYS B 43 -11.98 4.95 -12.26
N ILE B 44 -11.92 6.23 -12.58
CA ILE B 44 -10.88 7.16 -12.07
C ILE B 44 -11.59 8.25 -11.29
N VAL B 45 -11.27 8.37 -10.00
CA VAL B 45 -11.88 9.38 -9.09
C VAL B 45 -11.04 10.65 -9.21
N LEU B 46 -11.70 11.77 -9.52
CA LEU B 46 -11.10 13.12 -9.70
C LEU B 46 -11.21 13.92 -8.40
N THR B 47 -10.09 14.11 -7.70
CA THR B 47 -10.02 15.00 -6.50
C THR B 47 -9.60 16.40 -6.94
N ASP B 48 -8.39 16.58 -7.52
CA ASP B 48 -7.78 17.92 -7.76
C ASP B 48 -7.94 18.34 -9.23
N PRO B 49 -7.88 19.67 -9.53
CA PRO B 49 -7.90 20.14 -10.92
C PRO B 49 -6.58 19.95 -11.68
N GLN B 50 -5.44 20.00 -10.97
CA GLN B 50 -4.09 19.75 -11.53
C GLN B 50 -3.96 18.25 -11.83
N SER B 51 -4.78 17.40 -11.20
CA SER B 51 -4.82 15.93 -11.43
C SER B 51 -5.72 15.60 -12.63
N VAL B 52 -6.84 16.33 -12.81
CA VAL B 52 -7.76 16.16 -13.98
C VAL B 52 -7.02 16.60 -15.25
N LYS B 53 -6.28 17.70 -15.18
CA LYS B 53 -5.52 18.29 -16.30
C LYS B 53 -4.45 17.30 -16.77
N HIS B 54 -3.79 16.59 -15.84
CA HIS B 54 -2.69 15.62 -16.14
C HIS B 54 -3.26 14.34 -16.76
N ALA B 55 -4.36 13.83 -16.19
CA ALA B 55 -4.87 12.45 -16.45
C ALA B 55 -5.38 12.33 -17.89
N LEU B 56 -6.20 13.29 -18.34
CA LEU B 56 -6.93 13.27 -19.65
C LEU B 56 -5.93 13.38 -20.81
N ARG B 57 -4.98 14.31 -20.73
CA ARG B 57 -3.94 14.52 -21.78
C ARG B 57 -3.11 13.24 -21.93
N GLU B 58 -2.74 12.61 -20.80
CA GLU B 58 -1.97 11.34 -20.75
C GLU B 58 -2.78 10.21 -21.42
N ILE B 59 -4.06 10.08 -21.07
CA ILE B 59 -4.99 9.02 -21.58
C ILE B 59 -5.16 9.17 -23.09
N LYS B 60 -5.33 10.39 -23.60
CA LYS B 60 -5.52 10.70 -25.05
C LYS B 60 -4.27 10.28 -25.84
N ILE B 61 -3.05 10.58 -25.35
CA ILE B 61 -1.78 10.08 -25.97
C ILE B 61 -1.77 8.53 -25.96
N ILE B 62 -2.17 7.92 -24.83
CA ILE B 62 -2.27 6.42 -24.66
C ILE B 62 -3.37 5.88 -25.60
N ARG B 63 -4.46 6.61 -25.80
CA ARG B 63 -5.56 6.23 -26.75
C ARG B 63 -5.02 6.13 -28.17
N ARG B 64 -3.99 6.91 -28.53
CA ARG B 64 -3.35 6.91 -29.88
C ARG B 64 -2.46 5.66 -30.08
N LEU B 65 -2.02 4.98 -29.02
CA LEU B 65 -1.05 3.84 -29.08
C LEU B 65 -1.75 2.52 -29.43
N ASP B 66 -1.40 1.92 -30.59
CA ASP B 66 -1.91 0.62 -31.09
C ASP B 66 -0.72 -0.34 -31.28
N HIS B 67 -0.55 -1.30 -30.37
CA HIS B 67 0.50 -2.34 -30.44
C HIS B 67 0.12 -3.54 -29.55
N ASP B 68 0.54 -4.72 -29.98
CA ASP B 68 0.17 -6.03 -29.40
C ASP B 68 0.60 -6.08 -27.92
N ASN B 69 1.65 -5.36 -27.50
CA ASN B 69 2.23 -5.46 -26.13
C ASN B 69 1.97 -4.17 -25.35
N ILE B 70 0.99 -3.40 -25.79
CA ILE B 70 0.44 -2.21 -25.05
C ILE B 70 -1.06 -2.43 -24.84
N VAL B 71 -1.54 -2.29 -23.61
CA VAL B 71 -2.99 -2.38 -23.31
C VAL B 71 -3.66 -1.26 -24.09
N LYS B 72 -4.61 -1.59 -24.97
CA LYS B 72 -5.29 -0.63 -25.86
C LYS B 72 -6.35 0.07 -25.02
N VAL B 73 -6.48 1.38 -25.20
CA VAL B 73 -7.61 2.20 -24.67
C VAL B 73 -8.60 2.41 -25.82
N PHE B 74 -9.86 2.06 -25.61
CA PHE B 74 -10.92 2.10 -26.66
C PHE B 74 -11.69 3.43 -26.61
N GLU B 75 -12.07 3.88 -25.41
CA GLU B 75 -12.90 5.09 -25.19
C GLU B 75 -12.74 5.59 -23.75
N ILE B 76 -12.98 6.88 -23.55
CA ILE B 76 -12.99 7.58 -22.24
C ILE B 76 -14.40 8.13 -22.05
N LEU B 77 -15.04 7.82 -20.92
CA LEU B 77 -16.43 8.23 -20.60
C LEU B 77 -16.43 9.15 -19.39
N GLY B 78 -17.40 10.06 -19.30
CA GLY B 78 -17.70 10.88 -18.11
C GLY B 78 -18.59 10.12 -17.13
N PRO B 79 -18.99 10.75 -16.00
CA PRO B 79 -19.71 10.05 -14.93
C PRO B 79 -20.95 9.27 -15.40
N SER B 80 -21.72 9.82 -16.35
CA SER B 80 -23.00 9.26 -16.86
C SER B 80 -22.76 8.17 -17.91
N GLY B 81 -21.51 7.95 -18.32
CA GLY B 81 -21.16 6.96 -19.36
C GLY B 81 -21.23 7.54 -20.76
N SER B 82 -21.42 8.86 -20.91
CA SER B 82 -21.34 9.60 -22.20
C SER B 82 -19.86 9.87 -22.55
N GLN B 83 -19.51 9.78 -23.83
CA GLN B 83 -18.10 9.73 -24.31
C GLN B 83 -17.43 11.10 -24.14
N LEU B 84 -16.09 11.14 -24.10
CA LEU B 84 -15.28 12.38 -24.07
C LEU B 84 -15.40 13.17 -25.38
N THR B 85 -15.20 14.49 -25.32
CA THR B 85 -15.25 15.45 -26.46
C THR B 85 -13.85 16.02 -26.77
N ASP B 86 -12.97 16.16 -25.76
CA ASP B 86 -11.56 16.61 -25.90
C ASP B 86 -11.49 17.89 -26.73
N SER B 96 -15.79 12.00 -11.61
CA SER B 96 -15.16 10.74 -12.07
C SER B 96 -15.16 10.64 -13.60
N VAL B 97 -14.30 9.77 -14.15
CA VAL B 97 -14.31 9.36 -15.58
C VAL B 97 -14.00 7.86 -15.64
N TYR B 98 -14.47 7.20 -16.69
CA TYR B 98 -14.19 5.75 -16.92
C TYR B 98 -13.32 5.64 -18.18
N ILE B 99 -12.30 4.79 -18.12
CA ILE B 99 -11.49 4.38 -19.30
C ILE B 99 -11.92 2.95 -19.65
N VAL B 100 -12.45 2.76 -20.86
CA VAL B 100 -12.70 1.42 -21.45
C VAL B 100 -11.39 0.96 -22.11
N GLN B 101 -10.93 -0.23 -21.78
CA GLN B 101 -9.63 -0.72 -22.27
C GLN B 101 -9.70 -2.24 -22.40
N GLU B 102 -8.71 -2.76 -23.13
CA GLU B 102 -8.46 -4.20 -23.34
C GLU B 102 -8.57 -4.93 -21.99
N TYR B 103 -9.39 -5.96 -21.88
CA TYR B 103 -9.46 -6.80 -20.66
C TYR B 103 -8.22 -7.66 -20.56
N MET B 104 -7.56 -7.62 -19.40
CA MET B 104 -6.39 -8.45 -19.08
C MET B 104 -6.73 -9.29 -17.85
N GLU B 105 -6.31 -10.54 -17.83
CA GLU B 105 -6.66 -11.53 -16.77
C GLU B 105 -6.01 -11.08 -15.45
N THR B 106 -4.74 -10.74 -15.47
CA THR B 106 -3.94 -10.54 -14.24
C THR B 106 -2.76 -9.61 -14.55
N ASP B 107 -1.91 -9.35 -13.55
CA ASP B 107 -0.67 -8.56 -13.74
C ASP B 107 0.50 -9.43 -13.28
N LEU B 108 1.71 -9.03 -13.64
CA LEU B 108 2.92 -9.83 -13.40
C LEU B 108 3.22 -9.91 -11.91
N ALA B 109 2.85 -8.89 -11.13
CA ALA B 109 3.05 -8.88 -9.67
C ALA B 109 2.29 -10.08 -9.06
N ASN B 110 1.02 -10.27 -9.44
CA ASN B 110 0.18 -11.40 -8.95
C ASN B 110 0.83 -12.72 -9.39
N VAL B 111 1.35 -12.80 -10.61
CA VAL B 111 2.00 -14.03 -11.12
C VAL B 111 3.24 -14.34 -10.26
N LEU B 112 4.10 -13.36 -9.97
CA LEU B 112 5.41 -13.58 -9.30
C LEU B 112 5.25 -13.82 -7.78
N GLU B 113 4.13 -13.39 -7.19
CA GLU B 113 3.71 -13.81 -5.82
C GLU B 113 3.76 -15.35 -5.69
N GLN B 114 3.47 -16.09 -6.76
CA GLN B 114 3.37 -17.57 -6.68
C GLN B 114 4.72 -18.23 -7.02
N GLY B 115 5.78 -17.45 -7.23
CA GLY B 115 7.16 -17.95 -7.36
C GLY B 115 7.80 -17.50 -8.67
N PRO B 116 9.04 -17.97 -8.96
CA PRO B 116 9.73 -17.58 -10.17
C PRO B 116 9.09 -18.23 -11.41
N LEU B 117 9.31 -17.64 -12.58
CA LEU B 117 9.00 -18.20 -13.91
C LEU B 117 10.13 -19.12 -14.38
N LEU B 118 9.79 -20.18 -15.13
CA LEU B 118 10.76 -20.91 -15.98
C LEU B 118 11.47 -19.86 -16.86
N GLU B 119 12.76 -20.05 -17.13
CA GLU B 119 13.52 -19.18 -18.06
C GLU B 119 12.74 -18.96 -19.35
N GLU B 120 12.12 -20.02 -19.90
CA GLU B 120 11.39 -19.97 -21.19
C GLU B 120 10.29 -18.91 -21.11
N HIS B 121 9.59 -18.81 -19.96
CA HIS B 121 8.52 -17.82 -19.76
C HIS B 121 9.13 -16.44 -19.46
N ALA B 122 10.19 -16.38 -18.68
CA ALA B 122 10.82 -15.09 -18.31
C ALA B 122 11.31 -14.45 -19.60
N ARG B 123 11.88 -15.26 -20.50
CA ARG B 123 12.55 -14.79 -21.73
C ARG B 123 11.49 -14.28 -22.70
N LEU B 124 10.41 -15.05 -22.83
CA LEU B 124 9.25 -14.71 -23.70
C LEU B 124 8.61 -13.41 -23.23
N PHE B 125 8.36 -13.27 -21.93
CA PHE B 125 7.80 -12.02 -21.34
C PHE B 125 8.79 -10.87 -21.51
N MET B 126 10.09 -11.11 -21.38
CA MET B 126 11.12 -10.07 -21.61
C MET B 126 11.03 -9.60 -23.07
N TYR B 127 10.92 -10.53 -24.03
CA TYR B 127 10.79 -10.23 -25.48
C TYR B 127 9.57 -9.33 -25.77
N GLN B 128 8.45 -9.62 -25.09
CA GLN B 128 7.21 -8.82 -25.19
C GLN B 128 7.36 -7.45 -24.53
N LEU B 129 7.93 -7.39 -23.32
CA LEU B 129 8.14 -6.11 -22.60
C LEU B 129 9.03 -5.23 -23.50
N LEU B 130 10.12 -5.78 -24.03
CA LEU B 130 11.05 -4.99 -24.88
C LEU B 130 10.34 -4.51 -26.14
N ARG B 131 9.53 -5.36 -26.78
CA ARG B 131 8.76 -5.00 -28.01
C ARG B 131 7.83 -3.83 -27.64
N GLY B 132 7.17 -3.89 -26.49
CA GLY B 132 6.30 -2.80 -26.03
C GLY B 132 7.11 -1.52 -25.88
N LEU B 133 8.31 -1.62 -25.30
CA LEU B 133 9.14 -0.43 -25.02
C LEU B 133 9.68 0.14 -26.34
N LYS B 134 10.18 -0.69 -27.24
CA LYS B 134 10.69 -0.22 -28.55
C LYS B 134 9.62 0.66 -29.20
N TYR B 135 8.36 0.25 -29.13
CA TYR B 135 7.22 0.92 -29.81
C TYR B 135 6.94 2.28 -29.17
N ILE B 136 6.77 2.32 -27.85
CA ILE B 136 6.41 3.59 -27.17
C ILE B 136 7.61 4.57 -27.23
N HIS B 137 8.85 4.07 -27.16
CA HIS B 137 10.09 4.89 -27.28
C HIS B 137 10.21 5.46 -28.70
N SER B 138 9.77 4.74 -29.73
CA SER B 138 9.70 5.21 -31.14
C SER B 138 8.76 6.43 -31.26
N ALA B 139 7.70 6.46 -30.44
CA ALA B 139 6.70 7.55 -30.41
C ALA B 139 7.11 8.61 -29.38
N ASN B 140 8.29 8.48 -28.75
CA ASN B 140 8.77 9.42 -27.70
C ASN B 140 7.82 9.41 -26.51
N VAL B 141 7.21 8.26 -26.24
CA VAL B 141 6.36 8.02 -25.04
C VAL B 141 7.21 7.21 -24.07
N LEU B 142 7.42 7.74 -22.87
CA LEU B 142 8.10 7.04 -21.75
C LEU B 142 7.00 6.46 -20.86
N HIS B 143 7.21 5.31 -20.27
CA HIS B 143 6.25 4.76 -19.27
C HIS B 143 6.42 5.49 -17.93
N ARG B 144 7.65 5.54 -17.42
CA ARG B 144 8.06 6.29 -16.20
C ARG B 144 7.72 5.54 -14.90
N ASP B 145 6.91 4.48 -14.93
CA ASP B 145 6.46 3.79 -13.70
C ASP B 145 6.48 2.27 -13.88
N LEU B 146 7.49 1.77 -14.58
CA LEU B 146 7.54 0.37 -15.02
C LEU B 146 7.75 -0.51 -13.77
N LYS B 147 6.84 -1.44 -13.53
CA LYS B 147 6.98 -2.43 -12.43
C LYS B 147 6.02 -3.57 -12.70
N PRO B 148 6.22 -4.75 -12.06
CA PRO B 148 5.39 -5.91 -12.36
C PRO B 148 3.90 -5.61 -12.36
N ALA B 149 3.42 -4.79 -11.44
CA ALA B 149 1.99 -4.48 -11.29
C ALA B 149 1.43 -3.73 -12.53
N ASN B 150 2.27 -3.09 -13.34
CA ASN B 150 1.83 -2.33 -14.55
C ASN B 150 2.09 -3.16 -15.82
N LEU B 151 2.48 -4.42 -15.66
CA LEU B 151 2.61 -5.41 -16.76
C LEU B 151 1.47 -6.43 -16.61
N PHE B 152 0.55 -6.41 -17.57
CA PHE B 152 -0.71 -7.19 -17.58
C PHE B 152 -0.53 -8.42 -18.44
N ILE B 153 -1.03 -9.54 -17.93
CA ILE B 153 -0.77 -10.91 -18.46
C ILE B 153 -2.12 -11.58 -18.74
N ASN B 154 -2.23 -12.17 -19.92
CA ASN B 154 -3.20 -13.24 -20.23
C ASN B 154 -2.40 -14.54 -20.15
N THR B 155 -2.67 -15.35 -19.13
CA THR B 155 -1.86 -16.57 -18.80
C THR B 155 -2.11 -17.65 -19.85
N GLU B 156 -3.32 -17.75 -20.41
CA GLU B 156 -3.66 -18.76 -21.44
C GLU B 156 -2.70 -18.60 -22.63
N ASP B 157 -2.60 -17.38 -23.17
CA ASP B 157 -1.87 -17.03 -24.42
C ASP B 157 -0.39 -16.70 -24.13
N LEU B 158 0.00 -16.55 -22.85
CA LEU B 158 1.32 -15.98 -22.43
C LEU B 158 1.55 -14.65 -23.16
N VAL B 159 0.57 -13.75 -23.14
CA VAL B 159 0.68 -12.37 -23.70
C VAL B 159 0.95 -11.40 -22.54
N LEU B 160 1.98 -10.57 -22.68
CA LEU B 160 2.32 -9.50 -21.72
C LEU B 160 2.05 -8.17 -22.42
N LYS B 161 1.34 -7.26 -21.78
CA LYS B 161 1.00 -5.92 -22.29
C LYS B 161 1.35 -4.87 -21.21
N ILE B 162 2.01 -3.79 -21.62
CA ILE B 162 2.35 -2.68 -20.70
C ILE B 162 1.11 -1.81 -20.52
N GLY B 163 0.72 -1.54 -19.28
CA GLY B 163 -0.47 -0.71 -18.97
C GLY B 163 -0.11 0.33 -17.93
N ASP B 164 -1.12 1.08 -17.46
CA ASP B 164 -1.08 2.04 -16.31
C ASP B 164 0.12 2.99 -16.45
N PHE B 165 0.02 3.97 -17.36
CA PHE B 165 1.11 4.90 -17.73
C PHE B 165 1.32 5.99 -16.65
N HIS B 180 6.42 14.28 -3.45
CA HIS B 180 6.27 14.74 -2.04
C HIS B 180 5.02 14.10 -1.40
N LEU B 181 3.95 13.86 -2.19
CA LEU B 181 2.67 13.29 -1.73
C LEU B 181 2.65 11.78 -2.04
N SER B 182 2.25 10.97 -1.08
CA SER B 182 2.12 9.50 -1.17
C SER B 182 3.50 8.88 -1.38
N GLU B 183 4.57 9.50 -0.93
CA GLU B 183 5.94 8.94 -1.10
C GLU B 183 5.98 7.49 -0.60
N GLY B 184 5.26 7.18 0.48
CA GLY B 184 5.31 5.87 1.15
C GLY B 184 4.60 4.77 0.36
N LEU B 185 3.88 5.11 -0.71
CA LEU B 185 3.18 4.16 -1.62
C LEU B 185 3.97 3.96 -2.92
N VAL B 186 5.04 4.71 -3.14
CA VAL B 186 5.83 4.69 -4.42
C VAL B 186 7.01 3.73 -4.20
N THR B 187 7.14 2.67 -4.98
CA THR B 187 8.31 1.77 -4.83
C THR B 187 9.50 2.42 -5.56
N LYS B 188 10.68 2.32 -4.97
CA LYS B 188 11.96 2.82 -5.56
C LYS B 188 12.74 1.67 -6.19
N TRP B 189 12.18 0.46 -6.14
CA TRP B 189 12.87 -0.81 -6.48
C TRP B 189 13.35 -0.85 -7.94
N TYR B 190 12.67 -0.16 -8.86
CA TYR B 190 12.88 -0.25 -10.33
C TYR B 190 13.52 1.06 -10.84
N ARG B 191 14.01 1.89 -9.93
CA ARG B 191 14.57 3.21 -10.28
C ARG B 191 16.06 3.05 -10.58
N SER B 192 16.52 3.62 -11.68
CA SER B 192 17.94 3.56 -12.12
C SER B 192 18.78 4.45 -11.23
N PRO B 193 20.10 4.23 -11.14
CA PRO B 193 20.97 5.14 -10.40
C PRO B 193 20.83 6.59 -10.88
N ARG B 194 20.67 6.85 -12.17
CA ARG B 194 20.53 8.25 -12.69
C ARG B 194 19.22 8.83 -12.12
N LEU B 195 18.14 8.07 -12.11
CA LEU B 195 16.82 8.56 -11.62
C LEU B 195 16.90 8.84 -10.11
N LEU B 196 17.68 8.06 -9.36
CA LEU B 196 17.88 8.27 -7.91
C LEU B 196 18.66 9.57 -7.69
N LEU B 197 19.70 9.82 -8.50
CA LEU B 197 20.57 11.02 -8.38
C LEU B 197 19.87 12.26 -8.96
N SER B 198 19.08 12.11 -10.05
CA SER B 198 18.41 13.21 -10.80
C SER B 198 16.92 12.90 -10.95
N PRO B 199 16.09 13.08 -9.89
CA PRO B 199 14.73 12.54 -9.88
C PRO B 199 13.70 13.21 -10.83
N ASN B 200 13.98 14.41 -11.34
CA ASN B 200 12.96 15.19 -12.10
C ASN B 200 13.07 14.92 -13.61
N ASN B 201 13.84 13.93 -14.04
CA ASN B 201 14.06 13.63 -15.48
C ASN B 201 13.80 12.15 -15.79
N TYR B 202 13.07 11.90 -16.86
CA TYR B 202 12.76 10.55 -17.39
C TYR B 202 13.32 10.44 -18.80
N THR B 203 13.88 9.27 -19.10
CA THR B 203 14.48 8.91 -20.41
C THR B 203 14.05 7.50 -20.79
N LYS B 204 14.23 7.13 -22.04
CA LYS B 204 14.13 5.73 -22.54
C LYS B 204 14.95 4.80 -21.62
N ALA B 205 16.19 5.16 -21.31
CA ALA B 205 17.18 4.34 -20.55
C ALA B 205 16.64 4.02 -19.15
N ILE B 206 15.85 4.91 -18.59
CA ILE B 206 15.23 4.70 -17.25
C ILE B 206 14.19 3.58 -17.35
N ASP B 207 13.42 3.53 -18.43
CA ASP B 207 12.49 2.41 -18.71
C ASP B 207 13.31 1.12 -18.85
N MET B 208 14.42 1.16 -19.56
CA MET B 208 15.23 -0.05 -19.83
C MET B 208 15.84 -0.59 -18.52
N TRP B 209 16.27 0.29 -17.61
CA TRP B 209 16.79 -0.17 -16.29
C TRP B 209 15.71 -0.98 -15.57
N ALA B 210 14.49 -0.45 -15.53
CA ALA B 210 13.33 -1.08 -14.87
C ALA B 210 13.03 -2.43 -15.53
N ALA B 211 13.10 -2.53 -16.86
CA ALA B 211 12.88 -3.81 -17.57
C ALA B 211 13.93 -4.83 -17.13
N GLY B 212 15.18 -4.41 -16.95
CA GLY B 212 16.25 -5.30 -16.46
C GLY B 212 15.94 -5.83 -15.08
N CYS B 213 15.51 -4.96 -14.16
CA CYS B 213 15.11 -5.36 -12.79
C CYS B 213 13.91 -6.33 -12.84
N ILE B 214 12.97 -6.13 -13.75
CA ILE B 214 11.77 -7.00 -13.86
C ILE B 214 12.18 -8.37 -14.44
N PHE B 215 13.09 -8.39 -15.41
CA PHE B 215 13.62 -9.65 -15.98
C PHE B 215 14.25 -10.47 -14.84
N ALA B 216 15.08 -9.86 -14.01
CA ALA B 216 15.76 -10.55 -12.89
C ALA B 216 14.71 -11.12 -11.92
N GLU B 217 13.68 -10.33 -11.59
CA GLU B 217 12.59 -10.73 -10.67
C GLU B 217 11.81 -11.92 -11.25
N MET B 218 11.54 -11.95 -12.56
CA MET B 218 10.87 -13.10 -13.21
C MET B 218 11.72 -14.35 -13.04
N LEU B 219 13.05 -14.24 -13.19
CA LEU B 219 13.99 -15.39 -13.15
C LEU B 219 14.12 -15.97 -11.74
N THR B 220 14.08 -15.15 -10.69
CA THR B 220 14.36 -15.52 -9.28
C THR B 220 13.08 -15.50 -8.43
N GLY B 221 12.05 -14.74 -8.82
CA GLY B 221 10.85 -14.46 -8.01
C GLY B 221 11.12 -13.51 -6.83
N LYS B 222 12.22 -12.77 -6.86
CA LYS B 222 12.67 -11.92 -5.72
C LYS B 222 13.01 -10.55 -6.28
N THR B 223 12.71 -9.48 -5.54
CA THR B 223 13.10 -8.12 -5.98
C THR B 223 14.63 -8.09 -6.04
N LEU B 224 15.20 -7.60 -7.14
CA LEU B 224 16.66 -7.55 -7.33
C LEU B 224 17.27 -6.59 -6.30
N PHE B 225 16.75 -5.35 -6.26
CA PHE B 225 17.27 -4.23 -5.42
C PHE B 225 16.10 -3.65 -4.61
N ALA B 226 15.95 -4.14 -3.39
CA ALA B 226 14.75 -3.89 -2.55
C ALA B 226 15.09 -2.86 -1.47
N GLY B 227 15.43 -1.62 -1.85
CA GLY B 227 15.68 -0.52 -0.91
C GLY B 227 14.38 0.16 -0.49
N ALA B 228 14.28 0.63 0.76
CA ALA B 228 13.08 1.26 1.34
C ALA B 228 13.07 2.77 1.05
N HIS B 229 14.24 3.34 0.70
CA HIS B 229 14.48 4.79 0.48
C HIS B 229 15.60 4.95 -0.57
N GLU B 230 15.75 6.12 -1.16
CA GLU B 230 16.62 6.35 -2.35
C GLU B 230 18.07 5.94 -2.05
N LEU B 231 18.58 6.29 -0.86
CA LEU B 231 19.99 6.06 -0.51
C LEU B 231 20.22 4.55 -0.39
N GLU B 232 19.33 3.82 0.30
CA GLU B 232 19.46 2.36 0.49
C GLU B 232 19.41 1.69 -0.91
N GLN B 233 18.56 2.17 -1.79
CA GLN B 233 18.43 1.67 -3.18
C GLN B 233 19.79 1.84 -3.88
N MET B 234 20.42 3.02 -3.75
CA MET B 234 21.75 3.30 -4.38
C MET B 234 22.81 2.36 -3.79
N GLN B 235 22.85 2.18 -2.47
CA GLN B 235 23.79 1.27 -1.75
C GLN B 235 23.65 -0.15 -2.31
N LEU B 236 22.41 -0.66 -2.40
CA LEU B 236 22.17 -2.04 -2.89
C LEU B 236 22.67 -2.15 -4.34
N ILE B 237 22.46 -1.15 -5.17
CA ILE B 237 22.91 -1.16 -6.59
C ILE B 237 24.44 -1.13 -6.60
N LEU B 238 25.08 -0.33 -5.78
CA LEU B 238 26.56 -0.21 -5.73
C LEU B 238 27.16 -1.52 -5.21
N GLU B 239 26.43 -2.31 -4.41
CA GLU B 239 26.94 -3.60 -3.92
C GLU B 239 27.15 -4.55 -5.11
N SER B 240 26.40 -4.36 -6.22
CA SER B 240 26.29 -5.38 -7.28
C SER B 240 26.73 -4.89 -8.66
N ILE B 241 26.71 -3.59 -8.95
CA ILE B 241 26.81 -3.07 -10.33
C ILE B 241 28.07 -2.22 -10.41
N PRO B 242 29.01 -2.49 -11.34
CA PRO B 242 30.27 -1.76 -11.37
C PRO B 242 30.06 -0.35 -11.92
N VAL B 243 30.78 0.60 -11.34
CA VAL B 243 30.85 2.00 -11.83
C VAL B 243 32.13 2.10 -12.67
N VAL B 244 32.02 2.02 -14.01
CA VAL B 244 33.20 1.83 -14.90
C VAL B 244 33.73 3.17 -15.42
N HIS B 245 32.89 4.20 -15.54
CA HIS B 245 33.32 5.55 -15.99
C HIS B 245 33.74 6.43 -14.80
N GLU B 246 34.88 7.12 -14.93
CA GLU B 246 35.37 8.08 -13.90
C GLU B 246 34.32 9.19 -13.70
N GLU B 247 33.64 9.66 -14.75
CA GLU B 247 32.60 10.72 -14.66
C GLU B 247 31.55 10.33 -13.62
N ASP B 248 31.04 9.10 -13.70
CA ASP B 248 30.04 8.54 -12.76
C ASP B 248 30.63 8.44 -11.36
N ARG B 249 31.87 7.97 -11.25
CA ARG B 249 32.56 7.74 -9.95
C ARG B 249 32.69 9.08 -9.22
N GLN B 250 33.04 10.14 -9.97
CA GLN B 250 33.22 11.53 -9.45
C GLN B 250 31.87 12.10 -9.01
N GLU B 251 30.79 11.86 -9.73
CA GLU B 251 29.43 12.33 -9.33
C GLU B 251 29.11 11.71 -7.96
N LEU B 252 29.35 10.41 -7.80
CA LEU B 252 28.99 9.65 -6.56
C LEU B 252 29.82 10.16 -5.39
N LEU B 253 31.13 10.28 -5.59
CA LEU B 253 32.11 10.78 -4.59
C LEU B 253 31.71 12.16 -4.06
N SER B 254 31.00 12.96 -4.85
CA SER B 254 30.65 14.36 -4.49
C SER B 254 29.27 14.40 -3.85
N VAL B 255 28.45 13.35 -3.99
CA VAL B 255 27.03 13.33 -3.54
C VAL B 255 26.87 12.39 -2.33
N ILE B 256 27.47 11.20 -2.38
CA ILE B 256 27.50 10.23 -1.24
C ILE B 256 28.91 9.68 -1.09
N PRO B 257 29.91 10.50 -0.66
CA PRO B 257 31.29 10.03 -0.53
C PRO B 257 31.49 8.93 0.53
N VAL B 258 30.84 9.05 1.70
CA VAL B 258 30.91 8.06 2.82
C VAL B 258 30.26 6.74 2.36
N TYR B 259 29.00 6.81 1.95
CA TYR B 259 28.18 5.64 1.52
C TYR B 259 28.85 4.97 0.30
N ILE B 260 29.52 5.76 -0.56
CA ILE B 260 30.27 5.29 -1.76
C ILE B 260 31.44 4.43 -1.32
N ARG B 261 32.25 4.93 -0.38
CA ARG B 261 33.38 4.17 0.23
C ARG B 261 34.31 3.66 -0.89
N ASN B 262 34.68 4.54 -1.82
CA ASN B 262 35.65 4.25 -2.92
C ASN B 262 35.10 3.11 -3.78
N ASP B 263 33.87 3.28 -4.28
CA ASP B 263 33.09 2.27 -5.07
C ASP B 263 33.71 2.07 -6.45
N MET B 264 34.56 1.04 -6.58
CA MET B 264 35.40 0.75 -7.78
C MET B 264 34.61 -0.14 -8.77
N THR B 265 35.34 -0.94 -9.56
CA THR B 265 34.83 -1.73 -10.71
C THR B 265 34.67 -3.22 -10.33
N GLU B 266 34.85 -3.59 -9.06
CA GLU B 266 34.61 -4.98 -8.55
C GLU B 266 33.62 -4.92 -7.40
N PRO B 267 32.29 -4.90 -7.67
CA PRO B 267 31.31 -5.03 -6.60
C PRO B 267 31.40 -6.41 -5.92
N HIS B 268 31.16 -6.49 -4.61
CA HIS B 268 31.20 -7.74 -3.81
C HIS B 268 30.20 -8.77 -4.36
N LYS B 269 28.97 -8.34 -4.65
CA LYS B 269 27.82 -9.22 -4.92
C LYS B 269 27.29 -8.92 -6.32
N PRO B 270 28.05 -9.28 -7.38
CA PRO B 270 27.66 -8.99 -8.76
C PRO B 270 26.45 -9.82 -9.25
N LEU B 271 25.83 -9.37 -10.34
CA LEU B 271 24.60 -9.93 -10.93
C LEU B 271 24.70 -11.46 -10.96
N THR B 272 25.84 -11.98 -11.41
CA THR B 272 26.09 -13.44 -11.58
C THR B 272 25.76 -14.18 -10.27
N GLN B 273 26.08 -13.59 -9.10
CA GLN B 273 25.82 -14.19 -7.75
C GLN B 273 24.39 -13.93 -7.28
N LEU B 274 23.71 -12.90 -7.75
CA LEU B 274 22.28 -12.59 -7.39
C LEU B 274 21.32 -13.54 -8.12
N LEU B 275 21.78 -14.23 -9.18
CA LEU B 275 20.96 -15.09 -10.07
C LEU B 275 21.59 -16.49 -10.15
N PRO B 276 21.70 -17.19 -9.00
CA PRO B 276 22.27 -18.54 -9.00
C PRO B 276 21.39 -19.53 -9.80
N GLY B 277 22.00 -20.38 -10.63
CA GLY B 277 21.30 -21.45 -11.38
C GLY B 277 20.56 -20.94 -12.61
N ILE B 278 20.64 -19.63 -12.88
CA ILE B 278 20.12 -19.00 -14.13
C ILE B 278 21.19 -19.17 -15.20
N SER B 279 20.78 -19.55 -16.42
CA SER B 279 21.66 -19.70 -17.62
C SER B 279 22.57 -18.49 -17.79
N ARG B 280 23.82 -18.73 -18.22
CA ARG B 280 24.86 -17.69 -18.44
C ARG B 280 24.40 -16.67 -19.49
N GLU B 281 23.64 -17.12 -20.49
CA GLU B 281 23.13 -16.25 -21.59
C GLU B 281 22.17 -15.19 -21.02
N ALA B 282 21.31 -15.55 -20.07
CA ALA B 282 20.34 -14.63 -19.44
C ALA B 282 21.11 -13.59 -18.60
N VAL B 283 22.11 -14.03 -17.85
CA VAL B 283 22.89 -13.13 -16.95
C VAL B 283 23.70 -12.15 -17.82
N ASP B 284 24.33 -12.65 -18.89
N ASP B 284 24.35 -12.67 -18.87
CA ASP B 284 25.14 -11.83 -19.83
CA ASP B 284 25.13 -11.90 -19.88
C ASP B 284 24.25 -10.78 -20.50
C ASP B 284 24.24 -10.80 -20.46
N PHE B 285 23.04 -11.17 -20.92
CA PHE B 285 22.05 -10.24 -21.52
C PHE B 285 21.70 -9.15 -20.51
N LEU B 286 21.38 -9.57 -19.30
CA LEU B 286 21.01 -8.70 -18.19
C LEU B 286 22.15 -7.73 -17.86
N GLU B 287 23.41 -8.18 -17.85
CA GLU B 287 24.59 -7.32 -17.52
C GLU B 287 24.71 -6.16 -18.53
N GLN B 288 24.11 -6.28 -19.72
CA GLN B 288 24.16 -5.25 -20.79
C GLN B 288 22.97 -4.28 -20.60
N ILE B 289 22.02 -4.62 -19.73
CA ILE B 289 20.87 -3.72 -19.37
C ILE B 289 21.18 -3.01 -18.05
N LEU B 290 21.65 -3.73 -17.02
CA LEU B 290 21.91 -3.19 -15.68
C LEU B 290 23.36 -2.71 -15.64
N THR B 291 23.68 -1.80 -16.56
CA THR B 291 24.91 -0.98 -16.55
C THR B 291 24.61 0.28 -15.72
N PHE B 292 25.57 0.71 -14.95
CA PHE B 292 25.40 1.85 -14.04
C PHE B 292 25.08 3.09 -14.87
N SER B 293 25.81 3.28 -15.96
CA SER B 293 25.63 4.45 -16.85
C SER B 293 24.59 4.10 -17.92
N PRO B 294 23.64 5.01 -18.19
CA PRO B 294 22.71 4.83 -19.31
C PRO B 294 23.42 4.92 -20.67
N MET B 295 24.60 5.53 -20.72
CA MET B 295 25.45 5.65 -21.95
C MET B 295 25.88 4.25 -22.44
N ASP B 296 26.02 3.26 -21.55
CA ASP B 296 26.49 1.88 -21.88
C ASP B 296 25.30 0.94 -22.11
N ARG B 297 24.06 1.38 -21.87
CA ARG B 297 22.91 0.47 -21.71
C ARG B 297 22.29 0.16 -23.07
N LEU B 298 21.90 -1.08 -23.31
CA LEU B 298 21.13 -1.42 -24.53
C LEU B 298 19.83 -0.60 -24.55
N THR B 299 19.48 -0.06 -25.71
CA THR B 299 18.12 0.47 -25.99
C THR B 299 17.25 -0.75 -26.18
N ALA B 300 15.92 -0.57 -26.14
CA ALA B 300 14.93 -1.64 -26.40
C ALA B 300 15.21 -2.25 -27.79
N GLU B 301 15.51 -1.40 -28.79
CA GLU B 301 15.80 -1.83 -30.19
C GLU B 301 17.06 -2.70 -30.21
N GLU B 302 18.13 -2.27 -29.56
CA GLU B 302 19.39 -3.06 -29.52
C GLU B 302 19.12 -4.38 -28.80
N ALA B 303 18.32 -4.36 -27.73
CA ALA B 303 18.06 -5.54 -26.86
C ALA B 303 17.31 -6.60 -27.66
N LEU B 304 16.35 -6.17 -28.47
CA LEU B 304 15.55 -7.08 -29.33
C LEU B 304 16.45 -7.70 -30.40
N SER B 305 17.49 -7.01 -30.83
CA SER B 305 18.35 -7.50 -31.95
C SER B 305 19.55 -8.28 -31.39
N HIS B 306 19.68 -8.37 -30.06
CA HIS B 306 20.66 -9.25 -29.37
C HIS B 306 20.25 -10.71 -29.62
N PRO B 307 21.21 -11.63 -29.89
CA PRO B 307 20.84 -13.01 -30.23
C PRO B 307 19.85 -13.62 -29.21
N TYR B 308 20.02 -13.31 -27.93
CA TYR B 308 19.20 -13.87 -26.81
C TYR B 308 17.72 -13.60 -27.06
N MET B 309 17.37 -12.54 -27.81
CA MET B 309 15.95 -12.12 -28.05
C MET B 309 15.50 -12.36 -29.51
N SER B 310 16.44 -12.40 -30.45
CA SER B 310 16.12 -12.36 -31.90
C SER B 310 15.35 -13.61 -32.34
N ILE B 311 15.53 -14.72 -31.62
CA ILE B 311 14.85 -16.03 -31.85
C ILE B 311 13.33 -15.84 -31.89
N TYR B 312 12.78 -14.79 -31.26
CA TYR B 312 11.30 -14.62 -31.12
C TYR B 312 10.64 -13.91 -32.32
N SER B 313 11.43 -13.29 -33.21
CA SER B 313 10.93 -12.45 -34.34
C SER B 313 10.34 -13.30 -35.48
#